data_6PCO
#
_entry.id   6PCO
#
_cell.length_a   71.870
_cell.length_b   90.523
_cell.length_c   103.051
_cell.angle_alpha   90.00
_cell.angle_beta   90.00
_cell.angle_gamma   90.00
#
_symmetry.space_group_name_H-M   'P 21 21 21'
#
loop_
_entity.id
_entity.type
_entity.pdbx_description
1 polymer 'MarR-family transcriptional regulator'
2 non-polymer 1,4-BUTANEDIOL
3 water water
#
_entity_poly.entity_id   1
_entity_poly.type   'polypeptide(L)'
_entity_poly.pdbx_seq_one_letter_code
;MGHHHHHHHHHHSSGHIDDDDKHTSLEVLFQGPHMPASQDKLDVPPGPYHFSEQVGHLLRRAYQRHVAIFQQTIPDSKLT
AAQFVVLCALRDQGACSLVDVVKATAIDQATVRGVIERLKARKLLAVSHDPADRRKVLVTLTPDGRALVEEMVPFAEQIT
QSTFGGLNPAERVAIVYLLRKMSDADDLVGRQSDS
;
_entity_poly.pdbx_strand_id   A,B,C,D
#
# COMPACT_ATOMS: atom_id res chain seq x y z
N GLY A 47 25.65 25.62 -11.16
CA GLY A 47 24.22 25.71 -11.58
C GLY A 47 23.26 25.80 -10.39
N PRO A 48 21.99 26.21 -10.61
CA PRO A 48 21.00 26.22 -9.53
C PRO A 48 20.53 24.81 -9.15
N TYR A 49 19.75 24.73 -8.07
CA TYR A 49 19.16 23.48 -7.59
C TYR A 49 18.01 23.06 -8.52
N HIS A 50 18.12 21.86 -9.09
CA HIS A 50 17.03 21.16 -9.77
C HIS A 50 16.79 19.84 -9.02
N PHE A 51 15.57 19.63 -8.51
CA PHE A 51 15.29 18.48 -7.63
C PHE A 51 15.66 17.18 -8.36
N SER A 52 15.47 17.15 -9.69
CA SER A 52 15.54 15.92 -10.53
C SER A 52 16.98 15.41 -10.69
N GLU A 53 17.98 16.31 -10.61
CA GLU A 53 19.41 15.93 -10.81
C GLU A 53 19.99 15.29 -9.55
N GLN A 54 19.38 15.59 -8.39
CA GLN A 54 19.97 15.35 -7.07
C GLN A 54 19.83 13.87 -6.69
N VAL A 55 20.63 13.44 -5.70
CA VAL A 55 20.83 12.02 -5.42
C VAL A 55 19.59 11.43 -4.74
N GLY A 56 18.83 12.25 -4.02
CA GLY A 56 17.59 11.84 -3.35
C GLY A 56 16.54 11.37 -4.34
N HIS A 57 16.42 12.10 -5.45
CA HIS A 57 15.42 11.80 -6.48
C HIS A 57 15.79 10.51 -7.24
N LEU A 58 17.06 10.35 -7.60
CA LEU A 58 17.54 9.19 -8.35
C LEU A 58 17.33 7.94 -7.50
N LEU A 59 17.51 8.07 -6.17
CA LEU A 59 17.20 6.98 -5.23
C LEU A 59 15.71 6.67 -5.29
N ARG A 60 14.88 7.72 -5.31
CA ARG A 60 13.43 7.60 -5.39
C ARG A 60 13.06 6.85 -6.67
N ARG A 61 13.64 7.27 -7.81
CA ARG A 61 13.30 6.71 -9.11
C ARG A 61 13.73 5.24 -9.14
N ALA A 62 14.98 4.97 -8.74
CA ALA A 62 15.53 3.64 -8.81
C ALA A 62 14.75 2.68 -7.89
N TYR A 63 14.26 3.20 -6.77
CA TYR A 63 13.46 2.40 -5.81
C TYR A 63 12.05 2.15 -6.36
N GLN A 64 11.43 3.16 -7.02
CA GLN A 64 10.15 2.96 -7.75
C GLN A 64 10.31 1.82 -8.76
N ARG A 65 11.37 1.90 -9.58
CA ARG A 65 11.61 0.89 -10.63
C ARG A 65 11.65 -0.51 -10.01
N HIS A 66 12.40 -0.64 -8.92
CA HIS A 66 12.53 -1.92 -8.23
C HIS A 66 11.16 -2.42 -7.78
N VAL A 67 10.34 -1.54 -7.20
CA VAL A 67 9.05 -1.98 -6.63
C VAL A 67 8.10 -2.41 -7.76
N ALA A 68 8.09 -1.66 -8.87
CA ALA A 68 7.35 -2.07 -10.07
C ALA A 68 7.83 -3.47 -10.52
N ILE A 69 9.15 -3.65 -10.62
CA ILE A 69 9.68 -4.92 -11.02
C ILE A 69 9.17 -5.98 -10.04
N PHE A 70 9.28 -5.69 -8.74
CA PHE A 70 8.88 -6.65 -7.69
C PHE A 70 7.43 -7.10 -7.95
N GLN A 71 6.53 -6.12 -8.19
CA GLN A 71 5.07 -6.31 -8.30
C GLN A 71 4.71 -7.10 -9.56
N GLN A 72 5.40 -6.79 -10.66
CA GLN A 72 5.23 -7.46 -11.93
C GLN A 72 5.65 -8.94 -11.84
N THR A 73 6.76 -9.26 -11.16
CA THR A 73 7.33 -10.64 -11.21
C THR A 73 6.86 -11.51 -10.03
N ILE A 74 6.46 -10.96 -8.88
CA ILE A 74 6.06 -11.81 -7.74
C ILE A 74 4.73 -12.50 -8.08
N PRO A 75 4.65 -13.85 -7.98
CA PRO A 75 3.40 -14.58 -8.23
C PRO A 75 2.22 -14.20 -7.33
N ASP A 76 2.44 -14.31 -6.00
CA ASP A 76 1.48 -13.90 -4.98
C ASP A 76 1.34 -12.37 -5.00
N SER A 77 0.20 -11.91 -5.55
CA SER A 77 -0.02 -10.50 -5.82
C SER A 77 -0.42 -9.75 -4.54
N LYS A 78 -0.82 -10.47 -3.47
CA LYS A 78 -1.20 -9.87 -2.18
C LYS A 78 0.03 -9.38 -1.42
N LEU A 79 1.19 -9.99 -1.74
CA LEU A 79 2.44 -9.83 -1.02
C LEU A 79 3.17 -8.57 -1.49
N THR A 80 3.51 -7.68 -0.56
CA THR A 80 4.31 -6.46 -0.86
C THR A 80 5.80 -6.73 -0.62
N ALA A 81 6.64 -5.91 -1.24
CA ALA A 81 8.11 -5.91 -1.04
C ALA A 81 8.46 -5.87 0.45
N ALA A 82 7.79 -5.00 1.20
CA ALA A 82 8.00 -4.88 2.65
C ALA A 82 7.56 -6.17 3.36
N GLN A 83 6.38 -6.67 3.01
CA GLN A 83 5.89 -7.91 3.57
C GLN A 83 6.93 -9.02 3.37
N PHE A 84 7.46 -9.11 2.15
CA PHE A 84 8.35 -10.21 1.78
C PHE A 84 9.60 -10.14 2.65
N VAL A 85 10.21 -8.97 2.69
CA VAL A 85 11.42 -8.71 3.46
C VAL A 85 11.20 -9.08 4.93
N VAL A 86 10.09 -8.64 5.54
CA VAL A 86 9.83 -8.98 6.92
C VAL A 86 9.85 -10.50 7.06
N LEU A 87 9.22 -11.20 6.11
CA LEU A 87 9.13 -12.66 6.16
C LEU A 87 10.54 -13.26 6.11
N CYS A 88 11.40 -12.76 5.21
CA CYS A 88 12.80 -13.18 5.09
C CYS A 88 13.53 -12.93 6.41
N ALA A 89 13.25 -11.81 7.07
CA ALA A 89 13.93 -11.54 8.34
C ALA A 89 13.53 -12.60 9.38
N LEU A 90 12.27 -13.07 9.38
CA LEU A 90 11.83 -14.03 10.39
C LEU A 90 12.44 -15.41 10.10
N ARG A 91 12.53 -15.73 8.81
CA ARG A 91 13.22 -16.92 8.33
C ARG A 91 14.68 -16.94 8.83
N ASP A 92 15.40 -15.81 8.68
CA ASP A 92 16.84 -15.72 9.04
C ASP A 92 17.07 -15.61 10.56
N GLN A 93 16.12 -15.03 11.31
CA GLN A 93 16.32 -14.63 12.75
C GLN A 93 15.54 -15.48 13.76
N GLY A 94 14.51 -16.19 13.33
CA GLY A 94 13.60 -16.83 14.25
C GLY A 94 12.78 -15.81 15.00
N ALA A 95 12.44 -16.11 16.25
CA ALA A 95 11.56 -15.24 17.03
C ALA A 95 12.17 -13.83 17.10
N CYS A 96 11.32 -12.83 16.83
CA CYS A 96 11.69 -11.41 16.79
C CYS A 96 10.61 -10.57 17.45
N SER A 97 11.04 -9.54 18.19
CA SER A 97 10.20 -8.41 18.60
C SER A 97 10.04 -7.46 17.41
N LEU A 98 9.08 -6.54 17.54
CA LEU A 98 8.83 -5.49 16.56
C LEU A 98 10.15 -4.76 16.27
N VAL A 99 10.88 -4.33 17.32
CA VAL A 99 12.12 -3.57 17.09
C VAL A 99 13.17 -4.50 16.46
N ASP A 100 13.21 -5.78 16.86
CA ASP A 100 14.10 -6.76 16.23
C ASP A 100 13.91 -6.72 14.70
N VAL A 101 12.64 -6.66 14.27
CA VAL A 101 12.33 -6.63 12.84
C VAL A 101 12.73 -5.28 12.23
N VAL A 102 12.49 -4.19 12.97
CA VAL A 102 12.94 -2.87 12.53
C VAL A 102 14.46 -2.87 12.36
N LYS A 103 15.19 -3.51 13.29
CA LYS A 103 16.66 -3.55 13.24
C LYS A 103 17.10 -4.47 12.09
N ALA A 104 16.56 -5.68 12.07
CA ALA A 104 16.95 -6.65 11.07
C ALA A 104 16.72 -6.08 9.66
N THR A 105 15.70 -5.24 9.48
CA THR A 105 15.25 -4.85 8.12
C THR A 105 15.53 -3.38 7.80
N ALA A 106 15.65 -2.51 8.81
CA ALA A 106 15.76 -1.03 8.65
C ALA A 106 14.50 -0.47 7.99
N ILE A 107 13.38 -1.20 8.13
CA ILE A 107 12.08 -0.69 7.79
C ILE A 107 11.51 0.01 9.03
N ASP A 108 10.84 1.15 8.81
CA ASP A 108 10.32 1.94 9.90
C ASP A 108 9.21 1.14 10.59
N GLN A 109 9.00 1.51 11.85
CA GLN A 109 8.18 0.82 12.81
C GLN A 109 6.71 0.82 12.35
N ALA A 110 6.27 1.94 11.76
CA ALA A 110 4.89 2.06 11.28
C ALA A 110 4.64 1.04 10.15
N THR A 111 5.56 1.01 9.17
CA THR A 111 5.50 0.03 8.09
C THR A 111 5.52 -1.39 8.68
N VAL A 112 6.38 -1.64 9.68
CA VAL A 112 6.49 -3.00 10.27
C VAL A 112 5.16 -3.42 10.91
N ARG A 113 4.56 -2.59 11.77
CA ARG A 113 3.33 -3.02 12.48
C ARG A 113 2.25 -3.33 11.44
N GLY A 114 2.27 -2.56 10.35
CA GLY A 114 1.31 -2.72 9.30
C GLY A 114 1.50 -4.05 8.60
N VAL A 115 2.76 -4.33 8.23
CA VAL A 115 3.13 -5.64 7.69
C VAL A 115 2.68 -6.76 8.64
N ILE A 116 3.03 -6.64 9.91
CA ILE A 116 2.78 -7.74 10.80
C ILE A 116 1.28 -8.01 10.84
N GLU A 117 0.49 -6.93 10.93
CA GLU A 117 -0.96 -7.01 11.06
C GLU A 117 -1.51 -7.73 9.81
N ARG A 118 -1.06 -7.31 8.62
CA ARG A 118 -1.47 -7.97 7.36
C ARG A 118 -1.06 -9.45 7.35
N LEU A 119 0.20 -9.76 7.69
CA LEU A 119 0.68 -11.16 7.70
C LEU A 119 -0.04 -11.99 8.78
N LYS A 120 -0.32 -11.40 9.96
CA LYS A 120 -1.15 -12.07 10.99
C LYS A 120 -2.49 -12.53 10.36
N ALA A 121 -3.10 -11.70 9.53
CA ALA A 121 -4.42 -11.99 8.95
C ALA A 121 -4.34 -13.22 8.03
N ARG A 122 -3.33 -13.30 7.18
CA ARG A 122 -3.19 -14.42 6.27
C ARG A 122 -2.57 -15.63 6.98
N LYS A 123 -2.42 -15.57 8.32
CA LYS A 123 -1.88 -16.69 9.13
C LYS A 123 -0.45 -17.08 8.71
N LEU A 124 0.32 -16.14 8.13
CA LEU A 124 1.68 -16.39 7.68
C LEU A 124 2.70 -16.16 8.81
N LEU A 125 2.30 -15.45 9.87
CA LEU A 125 3.11 -15.37 11.09
C LEU A 125 2.19 -15.46 12.30
N ALA A 126 2.72 -15.99 13.40
CA ALA A 126 2.06 -16.14 14.68
C ALA A 126 2.57 -15.10 15.68
N VAL A 127 1.73 -14.78 16.67
CA VAL A 127 2.07 -13.86 17.74
C VAL A 127 2.08 -14.65 19.06
N SER A 128 3.14 -14.46 19.84
CA SER A 128 3.33 -15.11 21.12
C SER A 128 3.82 -14.07 22.14
N HIS A 129 3.98 -14.49 23.40
CA HIS A 129 4.49 -13.64 24.45
C HIS A 129 5.98 -13.98 24.63
N ASP A 130 6.80 -12.97 24.95
CA ASP A 130 8.26 -13.18 25.15
C ASP A 130 8.41 -14.04 26.42
N PRO A 131 9.17 -15.16 26.38
CA PRO A 131 9.41 -15.94 27.59
C PRO A 131 10.09 -15.14 28.71
N ALA A 132 10.93 -14.15 28.32
CA ALA A 132 11.55 -13.23 29.28
C ALA A 132 10.47 -12.31 29.89
N ASP A 133 9.76 -11.55 29.05
CA ASP A 133 8.66 -10.64 29.47
C ASP A 133 7.31 -11.18 28.99
N ARG A 134 6.51 -11.74 29.89
CA ARG A 134 5.10 -12.06 29.63
C ARG A 134 4.38 -10.82 29.07
N ARG A 135 4.98 -9.64 29.25
CA ARG A 135 4.43 -8.34 28.84
C ARG A 135 4.77 -8.02 27.36
N LYS A 136 5.93 -8.47 26.89
CA LYS A 136 6.50 -8.11 25.56
C LYS A 136 6.18 -9.22 24.55
N VAL A 137 5.98 -8.84 23.28
CA VAL A 137 5.34 -9.70 22.26
C VAL A 137 6.38 -10.15 21.23
N LEU A 138 6.19 -11.36 20.68
CA LEU A 138 7.09 -11.93 19.66
C LEU A 138 6.31 -12.39 18.43
N VAL A 139 6.93 -12.20 17.26
CA VAL A 139 6.41 -12.71 16.00
C VAL A 139 7.35 -13.82 15.55
N THR A 140 6.76 -14.82 14.90
CA THR A 140 7.43 -16.03 14.53
C THR A 140 6.75 -16.55 13.26
N LEU A 141 7.52 -17.07 12.30
CA LEU A 141 6.91 -17.66 11.12
C LEU A 141 6.02 -18.83 11.54
N THR A 142 4.86 -18.93 10.87
CA THR A 142 4.06 -20.17 10.81
C THR A 142 4.67 -21.05 9.72
N PRO A 143 4.34 -22.36 9.68
CA PRO A 143 4.85 -23.25 8.61
C PRO A 143 4.47 -22.76 7.22
N ASP A 144 3.26 -22.21 7.12
CA ASP A 144 2.78 -21.58 5.90
C ASP A 144 3.68 -20.40 5.51
N GLY A 145 4.02 -19.55 6.49
CA GLY A 145 4.97 -18.45 6.26
C GLY A 145 6.30 -18.93 5.71
N ARG A 146 6.84 -20.03 6.27
CA ARG A 146 8.12 -20.57 5.85
C ARG A 146 8.00 -21.12 4.43
N ALA A 147 6.89 -21.78 4.11
CA ALA A 147 6.72 -22.34 2.76
C ALA A 147 6.73 -21.21 1.72
N LEU A 148 5.95 -20.16 1.98
CA LEU A 148 5.79 -19.05 1.07
C LEU A 148 7.13 -18.35 0.83
N VAL A 149 7.91 -18.09 1.89
CA VAL A 149 9.27 -17.54 1.75
C VAL A 149 10.08 -18.40 0.75
N GLU A 150 10.08 -19.72 0.96
CA GLU A 150 10.81 -20.68 0.14
C GLU A 150 10.28 -20.65 -1.31
N GLU A 151 8.95 -20.67 -1.49
CA GLU A 151 8.31 -20.53 -2.80
C GLU A 151 8.75 -19.27 -3.56
N MET A 152 8.97 -18.14 -2.85
CA MET A 152 9.20 -16.85 -3.51
C MET A 152 10.68 -16.62 -3.85
N VAL A 153 11.58 -17.49 -3.34
CA VAL A 153 13.03 -17.24 -3.42
C VAL A 153 13.50 -17.13 -4.87
N PRO A 154 13.20 -18.11 -5.75
CA PRO A 154 13.48 -17.98 -7.19
C PRO A 154 13.07 -16.63 -7.81
N PHE A 155 11.86 -16.19 -7.47
CA PHE A 155 11.27 -15.00 -8.03
C PHE A 155 12.04 -13.78 -7.50
N ALA A 156 12.30 -13.79 -6.19
CA ALA A 156 13.09 -12.75 -5.57
C ALA A 156 14.41 -12.61 -6.32
N GLU A 157 15.02 -13.75 -6.67
CA GLU A 157 16.33 -13.81 -7.33
C GLU A 157 16.21 -13.18 -8.72
N GLN A 158 15.15 -13.56 -9.43
CA GLN A 158 14.82 -12.94 -10.72
C GLN A 158 14.64 -11.43 -10.54
N ILE A 159 13.80 -11.01 -9.60
CA ILE A 159 13.61 -9.59 -9.32
C ILE A 159 14.97 -8.89 -9.19
N THR A 160 15.85 -9.43 -8.36
CA THR A 160 17.21 -8.87 -8.19
C THR A 160 17.88 -8.71 -9.56
N GLN A 161 17.85 -9.78 -10.38
CA GLN A 161 18.45 -9.76 -11.72
C GLN A 161 17.86 -8.63 -12.56
N SER A 162 16.52 -8.55 -12.62
CA SER A 162 15.82 -7.49 -13.38
C SER A 162 16.26 -6.11 -12.89
N THR A 163 16.31 -5.94 -11.56
CA THR A 163 16.62 -4.67 -10.96
C THR A 163 18.01 -4.20 -11.39
N PHE A 164 18.99 -5.13 -11.39
CA PHE A 164 20.37 -4.81 -11.85
C PHE A 164 20.33 -4.45 -13.34
N GLY A 165 19.34 -5.02 -14.02
CA GLY A 165 19.09 -4.68 -15.40
C GLY A 165 20.33 -4.93 -16.23
N GLY A 166 20.88 -3.85 -16.78
CA GLY A 166 22.01 -3.91 -17.70
C GLY A 166 23.33 -3.48 -17.07
N LEU A 167 23.38 -3.33 -15.74
CA LEU A 167 24.67 -3.14 -15.06
C LEU A 167 25.59 -4.36 -15.29
N ASN A 168 26.87 -4.08 -15.63
CA ASN A 168 27.90 -5.11 -15.85
C ASN A 168 28.32 -5.67 -14.48
N PRO A 169 28.96 -6.87 -14.43
CA PRO A 169 29.26 -7.51 -13.15
C PRO A 169 29.99 -6.63 -12.13
N ALA A 170 30.79 -5.66 -12.60
CA ALA A 170 31.55 -4.76 -11.70
C ALA A 170 30.61 -3.68 -11.15
N GLU A 171 29.75 -3.15 -12.02
CA GLU A 171 28.75 -2.16 -11.69
C GLU A 171 27.74 -2.72 -10.67
N ARG A 172 27.37 -4.00 -10.82
CA ARG A 172 26.52 -4.68 -9.83
C ARG A 172 27.19 -4.64 -8.45
N VAL A 173 28.48 -4.95 -8.39
CA VAL A 173 29.23 -4.93 -7.11
C VAL A 173 29.30 -3.49 -6.61
N ALA A 174 29.63 -2.56 -7.51
CA ALA A 174 29.89 -1.20 -7.09
C ALA A 174 28.66 -0.60 -6.40
N ILE A 175 27.46 -0.85 -6.95
CA ILE A 175 26.25 -0.16 -6.46
C ILE A 175 25.81 -0.75 -5.11
N VAL A 176 25.89 -2.08 -4.98
CA VAL A 176 25.58 -2.72 -3.72
C VAL A 176 26.53 -2.18 -2.64
N TYR A 177 27.81 -1.95 -3.01
CA TYR A 177 28.79 -1.50 -2.02
C TYR A 177 28.49 -0.06 -1.63
N LEU A 178 28.33 0.82 -2.64
CA LEU A 178 28.07 2.24 -2.43
C LEU A 178 26.75 2.45 -1.67
N LEU A 179 25.72 1.64 -1.97
CA LEU A 179 24.45 1.76 -1.26
C LEU A 179 24.66 1.43 0.23
N ARG A 180 25.40 0.36 0.54
CA ARG A 180 25.67 -0.02 1.95
C ARG A 180 26.49 1.06 2.65
N LYS A 181 27.51 1.59 1.97
CA LYS A 181 28.39 2.58 2.56
C LYS A 181 27.55 3.81 2.87
N MET A 182 26.64 4.13 1.94
CA MET A 182 25.76 5.28 2.03
C MET A 182 24.82 5.12 3.24
N SER A 183 24.26 3.90 3.38
CA SER A 183 23.27 3.59 4.42
C SER A 183 23.93 3.44 5.80
N ASP A 184 25.24 3.20 5.85
CA ASP A 184 25.98 3.29 7.11
C ASP A 184 26.46 4.74 7.28
N ALA A 185 26.70 5.17 8.54
CA ALA A 185 27.05 6.56 8.89
C ALA A 185 25.99 7.54 8.34
N GLY B 47 25.38 -19.76 0.38
CA GLY B 47 24.50 -20.56 -0.53
C GLY B 47 23.19 -19.83 -0.84
N PRO B 48 22.24 -19.78 0.12
CA PRO B 48 20.86 -19.38 -0.18
C PRO B 48 20.66 -17.85 -0.31
N TYR B 49 19.40 -17.43 -0.21
CA TYR B 49 19.00 -16.04 -0.29
C TYR B 49 19.35 -15.34 1.03
N HIS B 50 19.96 -14.15 0.90
CA HIS B 50 20.07 -13.15 1.96
C HIS B 50 19.52 -11.82 1.45
N PHE B 51 18.30 -11.50 1.88
CA PHE B 51 17.57 -10.32 1.45
C PHE B 51 18.36 -9.03 1.74
N SER B 52 19.20 -9.04 2.78
CA SER B 52 19.83 -7.80 3.29
C SER B 52 20.92 -7.32 2.33
N GLU B 53 21.46 -8.26 1.54
CA GLU B 53 22.56 -8.02 0.62
C GLU B 53 22.02 -7.83 -0.80
N GLN B 54 20.68 -7.73 -0.96
CA GLN B 54 20.03 -7.58 -2.25
C GLN B 54 19.83 -6.10 -2.58
N VAL B 55 20.02 -5.76 -3.85
CA VAL B 55 20.16 -4.39 -4.31
C VAL B 55 18.84 -3.65 -4.04
N GLY B 56 17.73 -4.36 -4.22
CA GLY B 56 16.39 -3.84 -4.01
C GLY B 56 16.17 -3.37 -2.58
N HIS B 57 16.60 -4.17 -1.62
CA HIS B 57 16.53 -3.79 -0.21
C HIS B 57 17.41 -2.56 0.06
N LEU B 58 18.62 -2.58 -0.53
CA LEU B 58 19.62 -1.59 -0.26
C LEU B 58 19.21 -0.24 -0.83
N LEU B 59 18.36 -0.28 -1.88
CA LEU B 59 17.71 0.94 -2.46
C LEU B 59 16.72 1.52 -1.45
N ARG B 60 15.89 0.66 -0.85
CA ARG B 60 14.90 1.05 0.17
C ARG B 60 15.60 1.70 1.36
N ARG B 61 16.62 1.05 1.91
CA ARG B 61 17.29 1.67 3.02
C ARG B 61 17.79 3.07 2.59
N ALA B 62 18.52 3.15 1.47
CA ALA B 62 19.11 4.40 1.05
C ALA B 62 18.02 5.46 0.79
N TYR B 63 16.90 5.05 0.19
CA TYR B 63 15.79 5.97 0.03
C TYR B 63 15.31 6.43 1.42
N GLN B 64 14.93 5.46 2.26
CA GLN B 64 14.38 5.70 3.59
C GLN B 64 15.30 6.66 4.35
N ARG B 65 16.60 6.39 4.29
CA ARG B 65 17.59 7.20 4.96
C ARG B 65 17.50 8.61 4.40
N HIS B 66 17.35 8.72 3.08
CA HIS B 66 17.26 10.03 2.49
C HIS B 66 16.05 10.79 3.07
N VAL B 67 14.91 10.10 3.20
CA VAL B 67 13.70 10.77 3.62
C VAL B 67 13.83 11.18 5.09
N ALA B 68 14.46 10.35 5.91
CA ALA B 68 14.60 10.69 7.33
C ALA B 68 15.48 11.93 7.44
N ILE B 69 16.54 11.99 6.63
CA ILE B 69 17.44 13.12 6.66
C ILE B 69 16.65 14.37 6.31
N PHE B 70 15.75 14.23 5.32
CA PHE B 70 14.95 15.31 4.84
C PHE B 70 14.03 15.80 5.98
N GLN B 71 13.51 14.89 6.80
CA GLN B 71 12.58 15.23 7.90
C GLN B 71 13.31 15.94 9.05
N GLN B 72 14.52 15.49 9.37
CA GLN B 72 15.33 16.14 10.38
C GLN B 72 15.68 17.57 9.94
N THR B 73 15.98 17.75 8.65
CA THR B 73 16.69 18.93 8.15
C THR B 73 15.73 20.06 7.80
N ILE B 74 14.51 19.70 7.42
CA ILE B 74 13.51 20.66 7.01
C ILE B 74 12.92 21.27 8.28
N PRO B 75 12.90 22.61 8.43
CA PRO B 75 12.26 23.25 9.59
C PRO B 75 10.80 22.82 9.82
N ASP B 76 10.58 22.12 10.96
CA ASP B 76 9.31 21.96 11.69
C ASP B 76 8.27 21.19 10.87
N SER B 77 8.68 20.10 10.21
CA SER B 77 7.78 19.38 9.31
C SER B 77 6.80 20.37 8.66
N LYS B 78 7.39 21.45 8.10
CA LYS B 78 6.69 22.42 7.22
C LYS B 78 6.19 21.71 5.95
N LEU B 79 6.93 20.68 5.52
CA LEU B 79 6.87 20.09 4.21
C LEU B 79 7.25 18.60 4.34
N THR B 80 6.51 17.73 3.66
CA THR B 80 6.95 16.34 3.41
C THR B 80 7.86 16.33 2.18
N ALA B 81 8.55 15.21 1.94
CA ALA B 81 9.44 15.15 0.79
C ALA B 81 8.63 15.18 -0.52
N ALA B 82 7.46 14.53 -0.54
CA ALA B 82 6.63 14.48 -1.75
C ALA B 82 6.09 15.88 -2.07
N GLN B 83 5.59 16.55 -1.03
CA GLN B 83 5.11 17.91 -1.16
C GLN B 83 6.21 18.79 -1.75
N PHE B 84 7.44 18.63 -1.26
CA PHE B 84 8.56 19.47 -1.70
C PHE B 84 8.85 19.21 -3.17
N VAL B 85 8.88 17.93 -3.53
CA VAL B 85 9.16 17.55 -4.90
C VAL B 85 8.10 18.14 -5.85
N VAL B 86 6.81 18.07 -5.48
CA VAL B 86 5.73 18.57 -6.33
C VAL B 86 5.83 20.09 -6.48
N LEU B 87 6.09 20.79 -5.38
CA LEU B 87 6.29 22.23 -5.44
C LEU B 87 7.46 22.59 -6.36
N CYS B 88 8.56 21.83 -6.29
CA CYS B 88 9.73 22.11 -7.13
C CYS B 88 9.39 21.92 -8.61
N ALA B 89 8.68 20.83 -8.90
CA ALA B 89 8.31 20.55 -10.24
C ALA B 89 7.54 21.74 -10.80
N LEU B 90 6.59 22.26 -10.02
CA LEU B 90 5.77 23.40 -10.43
C LEU B 90 6.61 24.68 -10.59
N ARG B 91 7.54 24.92 -9.66
CA ARG B 91 8.42 26.09 -9.71
C ARG B 91 9.22 26.08 -11.02
N ASP B 92 9.83 24.92 -11.34
CA ASP B 92 10.69 24.75 -12.51
C ASP B 92 9.86 24.79 -13.81
N GLN B 93 8.75 24.05 -13.86
CA GLN B 93 8.07 23.73 -15.11
C GLN B 93 7.01 24.79 -15.45
N GLY B 94 6.33 25.29 -14.42
CA GLY B 94 5.15 26.10 -14.63
C GLY B 94 3.86 25.34 -14.38
N ALA B 95 2.77 25.81 -14.99
CA ALA B 95 1.45 25.20 -14.81
C ALA B 95 1.50 23.80 -15.42
N CYS B 96 0.93 22.82 -14.70
CA CYS B 96 1.00 21.43 -15.13
C CYS B 96 -0.36 20.75 -15.00
N SER B 97 -0.65 19.88 -15.97
CA SER B 97 -1.62 18.78 -15.81
C SER B 97 -1.19 17.84 -14.66
N LEU B 98 -2.05 16.88 -14.32
CA LEU B 98 -1.76 15.88 -13.30
C LEU B 98 -0.67 14.90 -13.80
N VAL B 99 -0.77 14.42 -15.05
CA VAL B 99 0.28 13.51 -15.62
C VAL B 99 1.58 14.29 -15.88
N ASP B 100 1.51 15.60 -16.14
CA ASP B 100 2.75 16.40 -16.15
C ASP B 100 3.49 16.15 -14.83
N VAL B 101 2.81 16.43 -13.71
CA VAL B 101 3.35 16.34 -12.34
C VAL B 101 3.85 14.91 -12.04
N VAL B 102 3.09 13.89 -12.44
CA VAL B 102 3.54 12.49 -12.25
C VAL B 102 4.85 12.26 -13.02
N LYS B 103 4.86 12.67 -14.29
CA LYS B 103 6.03 12.53 -15.19
C LYS B 103 7.22 13.21 -14.48
N ALA B 104 7.05 14.50 -14.18
CA ALA B 104 8.09 15.31 -13.61
C ALA B 104 8.64 14.70 -12.31
N THR B 105 7.76 14.23 -11.42
CA THR B 105 8.17 13.93 -10.04
C THR B 105 8.47 12.45 -9.81
N ALA B 106 8.05 11.57 -10.72
CA ALA B 106 8.14 10.10 -10.55
C ALA B 106 7.46 9.66 -9.24
N ILE B 107 6.27 10.19 -8.99
CA ILE B 107 5.44 9.80 -7.86
C ILE B 107 4.10 9.31 -8.42
N ASP B 108 3.60 8.17 -7.91
CA ASP B 108 2.34 7.57 -8.37
C ASP B 108 1.18 8.59 -8.28
N GLN B 109 0.21 8.41 -9.20
CA GLN B 109 -0.84 9.37 -9.46
C GLN B 109 -1.69 9.58 -8.21
N ALA B 110 -1.98 8.49 -7.48
CA ALA B 110 -2.89 8.62 -6.34
C ALA B 110 -2.23 9.50 -5.25
N THR B 111 -0.92 9.34 -5.07
CA THR B 111 -0.17 10.12 -4.05
C THR B 111 -0.13 11.59 -4.45
N VAL B 112 0.10 11.84 -5.75
CA VAL B 112 0.23 13.20 -6.25
C VAL B 112 -1.10 13.93 -6.06
N ARG B 113 -2.21 13.22 -6.30
CA ARG B 113 -3.54 13.81 -6.16
C ARG B 113 -3.71 14.24 -4.72
N GLY B 114 -3.37 13.33 -3.80
CA GLY B 114 -3.42 13.64 -2.39
C GLY B 114 -2.62 14.90 -2.09
N VAL B 115 -1.33 14.86 -2.49
CA VAL B 115 -0.37 15.93 -2.23
C VAL B 115 -0.92 17.27 -2.75
N ILE B 116 -1.45 17.28 -3.98
CA ILE B 116 -1.97 18.51 -4.55
C ILE B 116 -3.12 19.03 -3.67
N GLU B 117 -3.98 18.12 -3.20
CA GLU B 117 -5.13 18.48 -2.36
C GLU B 117 -4.65 19.18 -1.09
N ARG B 118 -3.69 18.55 -0.38
CA ARG B 118 -3.13 19.13 0.84
C ARG B 118 -2.51 20.52 0.53
N LEU B 119 -1.78 20.63 -0.59
CA LEU B 119 -1.11 21.87 -0.94
C LEU B 119 -2.12 22.93 -1.39
N LYS B 120 -3.19 22.52 -2.07
CA LYS B 120 -4.34 23.40 -2.37
C LYS B 120 -4.87 23.99 -1.06
N ALA B 121 -5.16 23.12 -0.09
CA ALA B 121 -5.71 23.51 1.23
C ALA B 121 -4.85 24.59 1.89
N ARG B 122 -3.54 24.37 1.90
CA ARG B 122 -2.57 25.30 2.49
C ARG B 122 -2.30 26.51 1.59
N LYS B 123 -2.94 26.58 0.41
CA LYS B 123 -2.95 27.78 -0.46
C LYS B 123 -1.56 27.99 -1.11
N LEU B 124 -0.80 26.91 -1.25
CA LEU B 124 0.56 26.96 -1.80
C LEU B 124 0.52 26.74 -3.31
N LEU B 125 -0.59 26.17 -3.81
CA LEU B 125 -0.82 26.11 -5.24
C LEU B 125 -2.31 26.34 -5.52
N ALA B 126 -2.63 26.50 -6.82
CA ALA B 126 -3.95 26.81 -7.31
C ALA B 126 -4.35 25.71 -8.30
N VAL B 127 -5.66 25.48 -8.45
CA VAL B 127 -6.20 24.50 -9.40
C VAL B 127 -7.35 25.14 -10.20
N SER B 128 -7.46 24.76 -11.48
CA SER B 128 -8.46 25.33 -12.37
C SER B 128 -8.76 24.36 -13.53
N HIS B 129 -10.01 24.39 -14.03
CA HIS B 129 -10.48 23.58 -15.16
C HIS B 129 -9.76 24.01 -16.44
N ARG B 134 -12.75 20.79 -19.92
CA ARG B 134 -13.28 21.01 -18.57
C ARG B 134 -13.16 19.75 -17.69
N ARG B 135 -12.76 18.62 -18.28
CA ARG B 135 -12.46 17.38 -17.54
C ARG B 135 -11.05 17.43 -16.95
N LYS B 136 -10.12 18.08 -17.69
CA LYS B 136 -8.69 18.22 -17.32
C LYS B 136 -8.44 19.53 -16.56
N VAL B 137 -7.45 19.51 -15.66
CA VAL B 137 -7.17 20.60 -14.70
C VAL B 137 -5.75 21.14 -14.93
N LEU B 138 -5.52 22.41 -14.57
CA LEU B 138 -4.15 22.94 -14.41
C LEU B 138 -3.80 23.09 -12.92
N VAL B 139 -2.50 23.13 -12.64
CA VAL B 139 -2.00 23.37 -11.31
C VAL B 139 -0.81 24.33 -11.40
N THR B 140 -0.77 25.33 -10.52
CA THR B 140 0.16 26.46 -10.61
C THR B 140 0.57 26.90 -9.20
N LEU B 141 1.84 27.27 -9.02
CA LEU B 141 2.28 27.81 -7.76
C LEU B 141 1.50 29.08 -7.46
N THR B 142 1.13 29.26 -6.19
CA THR B 142 0.79 30.57 -5.62
C THR B 142 2.10 31.25 -5.24
N PRO B 143 2.13 32.58 -5.08
CA PRO B 143 3.33 33.27 -4.61
C PRO B 143 3.89 32.75 -3.28
N ASP B 144 3.03 32.35 -2.33
CA ASP B 144 3.51 31.74 -1.05
C ASP B 144 4.13 30.38 -1.38
N GLY B 145 3.49 29.69 -2.31
CA GLY B 145 4.04 28.49 -2.90
C GLY B 145 5.50 28.67 -3.27
N ARG B 146 5.79 29.68 -4.11
CA ARG B 146 7.11 29.90 -4.63
C ARG B 146 8.03 30.33 -3.48
N ALA B 147 7.50 31.15 -2.59
CA ALA B 147 8.25 31.68 -1.46
C ALA B 147 8.75 30.51 -0.59
N LEU B 148 7.84 29.58 -0.26
CA LEU B 148 8.19 28.39 0.54
C LEU B 148 9.29 27.58 -0.16
N VAL B 149 9.17 27.40 -1.48
CA VAL B 149 10.13 26.63 -2.22
C VAL B 149 11.50 27.28 -2.08
N GLU B 150 11.56 28.60 -2.26
CA GLU B 150 12.78 29.37 -2.24
C GLU B 150 13.41 29.26 -0.85
N GLU B 151 12.55 29.32 0.17
CA GLU B 151 12.95 29.27 1.56
C GLU B 151 13.56 27.90 1.89
N MET B 152 13.08 26.83 1.23
CA MET B 152 13.51 25.47 1.59
C MET B 152 14.74 25.03 0.77
N VAL B 153 14.98 25.63 -0.38
CA VAL B 153 16.02 25.14 -1.31
C VAL B 153 17.40 25.19 -0.64
N PRO B 154 17.76 26.16 0.21
CA PRO B 154 19.01 26.08 0.98
C PRO B 154 19.16 24.87 1.90
N PHE B 155 18.04 24.33 2.39
CA PHE B 155 18.04 23.17 3.27
C PHE B 155 18.14 21.87 2.48
N ALA B 156 17.48 21.86 1.31
CA ALA B 156 17.52 20.77 0.38
C ALA B 156 18.98 20.51 -0.05
N GLU B 157 19.76 21.58 -0.26
CA GLU B 157 21.19 21.45 -0.55
C GLU B 157 21.90 20.66 0.57
N GLN B 158 21.65 21.07 1.82
CA GLN B 158 22.17 20.44 3.07
C GLN B 158 21.90 18.93 3.03
N ILE B 159 20.64 18.59 2.73
CA ILE B 159 20.11 17.23 2.67
C ILE B 159 20.93 16.39 1.67
N THR B 160 21.28 17.00 0.54
CA THR B 160 22.00 16.26 -0.45
C THR B 160 23.33 15.81 0.14
N GLN B 161 24.06 16.75 0.77
CA GLN B 161 25.39 16.41 1.33
C GLN B 161 25.24 15.26 2.34
N SER B 162 24.30 15.43 3.26
CA SER B 162 24.00 14.44 4.26
C SER B 162 23.72 13.08 3.63
N THR B 163 22.93 13.09 2.54
CA THR B 163 22.51 11.87 1.90
C THR B 163 23.74 11.11 1.38
N PHE B 164 24.70 11.85 0.82
CA PHE B 164 25.91 11.27 0.24
C PHE B 164 26.81 10.69 1.33
N GLY B 165 26.67 11.16 2.56
CA GLY B 165 27.24 10.52 3.74
C GLY B 165 28.77 10.46 3.70
N GLY B 166 29.28 9.27 4.04
CA GLY B 166 30.71 8.95 3.98
C GLY B 166 31.27 8.96 2.57
N LEU B 167 30.43 8.74 1.56
CA LEU B 167 30.92 8.58 0.19
C LEU B 167 31.90 9.71 -0.14
N ASN B 168 33.09 9.32 -0.63
CA ASN B 168 34.12 10.22 -1.10
C ASN B 168 33.72 10.71 -2.50
N PRO B 169 34.40 11.75 -3.05
CA PRO B 169 33.97 12.35 -4.33
C PRO B 169 33.87 11.37 -5.53
N ALA B 170 34.79 10.41 -5.63
CA ALA B 170 34.73 9.40 -6.70
C ALA B 170 33.52 8.50 -6.49
N GLU B 171 33.31 8.13 -5.23
CA GLU B 171 32.17 7.34 -4.83
C GLU B 171 30.88 8.08 -5.22
N ARG B 172 30.79 9.38 -4.87
CA ARG B 172 29.60 10.23 -5.19
C ARG B 172 29.29 10.20 -6.69
N VAL B 173 30.33 10.41 -7.52
CA VAL B 173 30.14 10.38 -8.98
C VAL B 173 29.63 8.99 -9.38
N ALA B 174 30.23 7.94 -8.78
CA ALA B 174 29.96 6.56 -9.19
C ALA B 174 28.49 6.21 -8.92
N ILE B 175 27.98 6.62 -7.74
CA ILE B 175 26.64 6.19 -7.33
C ILE B 175 25.60 6.93 -8.18
N VAL B 176 25.85 8.22 -8.41
CA VAL B 176 24.98 8.99 -9.27
C VAL B 176 25.01 8.39 -10.68
N TYR B 177 26.19 8.02 -11.17
CA TYR B 177 26.31 7.38 -12.47
C TYR B 177 25.44 6.12 -12.49
N LEU B 178 25.55 5.30 -11.44
CA LEU B 178 24.88 3.98 -11.42
C LEU B 178 23.36 4.14 -11.30
N LEU B 179 22.91 5.02 -10.41
CA LEU B 179 21.47 5.30 -10.25
C LEU B 179 20.85 5.84 -11.56
N ARG B 180 21.52 6.81 -12.19
CA ARG B 180 21.09 7.31 -13.52
C ARG B 180 20.96 6.11 -14.46
N LYS B 181 22.01 5.28 -14.52
CA LYS B 181 22.06 4.16 -15.47
C LYS B 181 20.97 3.14 -15.11
N MET B 182 20.55 3.10 -13.84
CA MET B 182 19.57 2.11 -13.37
C MET B 182 18.14 2.54 -13.71
N SER B 183 17.78 3.78 -13.37
CA SER B 183 16.42 4.34 -13.56
C SER B 183 16.10 4.50 -15.06
N ASP B 184 17.11 4.85 -15.86
CA ASP B 184 17.02 4.96 -17.33
C ASP B 184 16.64 3.59 -17.95
N ALA B 185 17.52 2.59 -17.76
CA ALA B 185 17.37 1.24 -18.32
C ALA B 185 17.25 0.22 -17.20
N GLU C 53 -20.27 -21.65 -15.94
CA GLU C 53 -20.48 -21.09 -14.57
C GLU C 53 -19.23 -21.38 -13.72
N GLN C 54 -19.42 -21.93 -12.52
CA GLN C 54 -18.45 -21.81 -11.43
C GLN C 54 -18.46 -20.33 -10.98
N VAL C 55 -19.67 -19.79 -10.84
CA VAL C 55 -19.88 -18.41 -10.48
C VAL C 55 -19.12 -18.10 -9.19
N GLY C 56 -19.20 -19.00 -8.20
CA GLY C 56 -18.48 -18.88 -6.91
C GLY C 56 -16.96 -18.85 -7.09
N HIS C 57 -16.42 -19.69 -7.98
CA HIS C 57 -14.98 -19.65 -8.33
C HIS C 57 -14.61 -18.25 -8.84
N LEU C 58 -15.42 -17.71 -9.77
CA LEU C 58 -15.13 -16.43 -10.41
C LEU C 58 -15.32 -15.29 -9.38
N LEU C 59 -16.25 -15.47 -8.43
CA LEU C 59 -16.38 -14.53 -7.31
C LEU C 59 -15.13 -14.58 -6.43
N ARG C 60 -14.62 -15.78 -6.17
CA ARG C 60 -13.42 -15.94 -5.38
C ARG C 60 -12.31 -15.10 -6.03
N ARG C 61 -11.94 -15.43 -7.27
CA ARG C 61 -10.84 -14.78 -7.98
C ARG C 61 -11.01 -13.25 -7.96
N ALA C 62 -12.23 -12.78 -8.23
CA ALA C 62 -12.56 -11.36 -8.36
C ALA C 62 -12.27 -10.63 -7.04
N TYR C 63 -12.69 -11.25 -5.93
CA TYR C 63 -12.49 -10.67 -4.61
C TYR C 63 -11.00 -10.66 -4.24
N GLN C 64 -10.34 -11.81 -4.40
CA GLN C 64 -8.91 -11.97 -4.15
C GLN C 64 -8.12 -10.93 -4.94
N ARG C 65 -8.48 -10.78 -6.23
CA ARG C 65 -7.81 -9.84 -7.08
C ARG C 65 -8.02 -8.44 -6.49
N HIS C 66 -9.21 -8.19 -5.96
CA HIS C 66 -9.51 -6.90 -5.41
C HIS C 66 -8.59 -6.61 -4.21
N VAL C 67 -8.44 -7.60 -3.33
CA VAL C 67 -7.70 -7.37 -2.08
C VAL C 67 -6.21 -7.28 -2.40
N ALA C 68 -5.75 -8.04 -3.41
CA ALA C 68 -4.37 -7.87 -3.92
C ALA C 68 -4.16 -6.40 -4.34
N ILE C 69 -5.18 -5.80 -4.95
CA ILE C 69 -5.06 -4.47 -5.48
C ILE C 69 -5.06 -3.51 -4.30
N PHE C 70 -5.88 -3.83 -3.30
CA PHE C 70 -5.90 -3.07 -2.06
C PHE C 70 -4.49 -3.13 -1.41
N GLN C 71 -3.99 -4.33 -1.12
CA GLN C 71 -2.64 -4.49 -0.52
C GLN C 71 -1.59 -3.62 -1.26
N GLN C 72 -1.59 -3.64 -2.60
CA GLN C 72 -0.52 -3.03 -3.37
C GLN C 72 -0.64 -1.49 -3.41
N THR C 73 -1.80 -0.94 -3.09
CA THR C 73 -2.07 0.47 -3.38
C THR C 73 -1.98 1.32 -2.10
N ILE C 74 -2.62 0.84 -1.04
CA ILE C 74 -2.52 1.45 0.24
C ILE C 74 -1.32 0.86 0.99
N PRO C 75 -0.41 1.74 1.44
CA PRO C 75 0.81 1.34 2.15
C PRO C 75 0.58 0.47 3.38
N ASP C 76 1.50 -0.48 3.60
CA ASP C 76 1.46 -1.37 4.76
C ASP C 76 1.36 -0.55 6.05
N SER C 77 2.05 0.60 6.12
CA SER C 77 2.04 1.49 7.29
C SER C 77 0.63 1.96 7.66
N LYS C 78 -0.23 2.15 6.66
CA LYS C 78 -1.44 2.86 6.88
C LYS C 78 -2.48 1.88 7.43
N LEU C 79 -2.95 0.94 6.62
CA LEU C 79 -4.14 0.20 7.06
C LEU C 79 -4.29 -1.14 6.36
N THR C 80 -4.85 -2.09 7.11
CA THR C 80 -5.34 -3.35 6.54
C THR C 80 -6.68 -3.06 5.87
N ALA C 81 -7.18 -4.06 5.15
CA ALA C 81 -8.47 -3.99 4.45
C ALA C 81 -9.60 -3.84 5.47
N ALA C 82 -9.58 -4.68 6.52
CA ALA C 82 -10.61 -4.65 7.55
C ALA C 82 -10.64 -3.23 8.17
N GLN C 83 -9.46 -2.69 8.48
CA GLN C 83 -9.34 -1.38 9.07
C GLN C 83 -9.86 -0.29 8.11
N PHE C 84 -9.60 -0.42 6.81
CA PHE C 84 -10.06 0.60 5.84
C PHE C 84 -11.60 0.63 5.77
N VAL C 85 -12.19 -0.56 5.75
CA VAL C 85 -13.63 -0.73 5.63
C VAL C 85 -14.31 -0.15 6.88
N VAL C 86 -13.80 -0.49 8.06
CA VAL C 86 -14.38 0.02 9.30
C VAL C 86 -14.28 1.54 9.32
N LEU C 87 -13.08 2.10 9.09
CA LEU C 87 -12.91 3.59 9.09
C LEU C 87 -13.92 4.24 8.13
N CYS C 88 -14.03 3.70 6.91
CA CYS C 88 -14.91 4.25 5.85
C CYS C 88 -16.38 4.17 6.28
N ALA C 89 -16.78 3.01 6.82
CA ALA C 89 -18.13 2.85 7.31
C ALA C 89 -18.43 3.97 8.31
N LEU C 90 -17.49 4.24 9.21
CA LEU C 90 -17.72 5.19 10.29
C LEU C 90 -17.87 6.61 9.72
N ARG C 91 -17.07 6.92 8.69
CA ARG C 91 -17.14 8.21 7.96
C ARG C 91 -18.48 8.36 7.25
N ASP C 92 -19.00 7.27 6.63
CA ASP C 92 -20.29 7.30 5.91
C ASP C 92 -21.47 7.44 6.90
N GLN C 93 -21.47 6.63 7.98
CA GLN C 93 -22.61 6.51 8.92
C GLN C 93 -22.49 7.46 10.13
N GLY C 94 -21.31 8.04 10.35
CA GLY C 94 -21.03 8.74 11.62
C GLY C 94 -21.05 7.78 12.81
N ALA C 95 -21.49 8.27 13.97
CA ALA C 95 -21.44 7.53 15.23
C ALA C 95 -22.29 6.27 15.14
N CYS C 96 -21.67 5.12 15.45
CA CYS C 96 -22.23 3.79 15.25
C CYS C 96 -22.13 2.95 16.52
N SER C 97 -23.19 2.17 16.76
CA SER C 97 -23.13 0.98 17.61
C SER C 97 -22.27 -0.07 16.93
N LEU C 98 -21.91 -1.09 17.71
CA LEU C 98 -21.14 -2.24 17.21
C LEU C 98 -21.89 -2.94 16.07
N VAL C 99 -23.20 -3.15 16.22
CA VAL C 99 -23.94 -3.87 15.18
C VAL C 99 -24.05 -3.02 13.91
N ASP C 100 -24.11 -1.69 14.08
CA ASP C 100 -24.16 -0.81 12.91
C ASP C 100 -22.92 -1.09 12.06
N VAL C 101 -21.76 -1.21 12.71
CA VAL C 101 -20.46 -1.43 12.04
C VAL C 101 -20.50 -2.77 11.32
N VAL C 102 -20.97 -3.81 12.02
CA VAL C 102 -21.16 -5.15 11.44
C VAL C 102 -22.11 -5.09 10.23
N LYS C 103 -23.27 -4.44 10.39
CA LYS C 103 -24.32 -4.41 9.36
C LYS C 103 -23.95 -3.46 8.21
N ALA C 104 -22.75 -2.84 8.28
CA ALA C 104 -22.32 -1.89 7.24
C ALA C 104 -21.04 -2.37 6.54
N THR C 105 -20.19 -3.09 7.28
CA THR C 105 -18.90 -3.58 6.80
C THR C 105 -19.02 -5.02 6.27
N ALA C 106 -20.00 -5.77 6.80
CA ALA C 106 -20.22 -7.20 6.53
C ALA C 106 -19.03 -8.02 7.04
N ILE C 107 -18.68 -7.78 8.31
CA ILE C 107 -17.56 -8.45 8.95
C ILE C 107 -18.02 -9.02 10.31
N ASP C 108 -17.57 -10.26 10.62
CA ASP C 108 -17.76 -10.96 11.90
C ASP C 108 -17.61 -9.98 13.07
N GLN C 109 -18.57 -10.01 14.00
CA GLN C 109 -18.52 -9.20 15.22
C GLN C 109 -17.13 -9.32 15.90
N ALA C 110 -16.55 -10.53 15.97
CA ALA C 110 -15.32 -10.78 16.71
C ALA C 110 -14.13 -10.08 16.02
N THR C 111 -14.13 -10.14 14.68
CA THR C 111 -13.08 -9.53 13.88
C THR C 111 -13.19 -8.00 13.98
N VAL C 112 -14.43 -7.45 13.95
CA VAL C 112 -14.69 -5.97 13.98
C VAL C 112 -14.26 -5.35 15.32
N ARG C 113 -14.58 -6.06 16.41
CA ARG C 113 -14.09 -5.70 17.75
C ARG C 113 -12.57 -5.54 17.71
N GLY C 114 -11.87 -6.49 17.07
CA GLY C 114 -10.41 -6.49 16.98
C GLY C 114 -9.87 -5.27 16.27
N VAL C 115 -10.43 -5.00 15.08
CA VAL C 115 -10.10 -3.83 14.26
C VAL C 115 -10.33 -2.55 15.06
N ILE C 116 -11.51 -2.43 15.68
CA ILE C 116 -11.87 -1.26 16.48
C ILE C 116 -10.84 -1.01 17.58
N GLU C 117 -10.46 -2.07 18.31
CA GLU C 117 -9.42 -1.99 19.36
C GLU C 117 -8.15 -1.38 18.78
N ARG C 118 -7.67 -1.90 17.64
CA ARG C 118 -6.39 -1.45 17.11
C ARG C 118 -6.52 0.01 16.71
N LEU C 119 -7.69 0.37 16.15
CA LEU C 119 -7.90 1.73 15.63
C LEU C 119 -8.09 2.73 16.77
N LYS C 120 -8.69 2.26 17.88
CA LYS C 120 -8.68 2.96 19.19
C LYS C 120 -7.25 3.24 19.66
N ALA C 121 -6.40 2.20 19.62
CA ALA C 121 -5.00 2.26 20.09
C ALA C 121 -4.23 3.34 19.34
N ARG C 122 -4.51 3.50 18.04
CA ARG C 122 -3.81 4.46 17.17
C ARG C 122 -4.51 5.83 17.17
N LYS C 123 -5.58 5.95 17.97
CA LYS C 123 -6.26 7.22 18.27
C LYS C 123 -7.03 7.70 17.02
N LEU C 124 -7.49 6.74 16.20
CA LEU C 124 -8.14 7.00 14.88
C LEU C 124 -9.67 6.97 15.02
N LEU C 125 -10.16 6.37 16.10
CA LEU C 125 -11.54 6.41 16.44
C LEU C 125 -11.62 6.43 17.97
N ALA C 126 -12.80 6.78 18.48
CA ALA C 126 -13.08 6.82 19.88
C ALA C 126 -14.19 5.82 20.18
N VAL C 127 -14.30 5.42 21.45
CA VAL C 127 -15.38 4.59 21.93
C VAL C 127 -16.01 5.29 23.14
N SER C 128 -17.33 5.38 23.17
CA SER C 128 -18.05 5.92 24.34
C SER C 128 -19.06 4.88 24.81
N HIS C 129 -19.22 4.76 26.13
CA HIS C 129 -20.07 3.74 26.79
C HIS C 129 -21.26 4.44 27.47
N ASP C 130 -22.43 3.78 27.49
CA ASP C 130 -23.49 4.21 28.41
C ASP C 130 -22.98 3.92 29.83
N PRO C 131 -22.99 4.89 30.75
CA PRO C 131 -22.59 4.63 32.14
C PRO C 131 -23.40 3.49 32.76
N ALA C 132 -24.69 3.38 32.39
CA ALA C 132 -25.60 2.31 32.84
C ALA C 132 -25.07 0.93 32.44
N ASP C 133 -24.99 0.69 31.11
CA ASP C 133 -24.40 -0.53 30.56
C ASP C 133 -23.09 -0.18 29.86
N ARG C 134 -21.97 -0.64 30.42
CA ARG C 134 -20.70 -0.63 29.69
C ARG C 134 -20.91 -1.45 28.41
N ARG C 135 -21.89 -2.36 28.46
CA ARG C 135 -22.38 -3.12 27.31
C ARG C 135 -22.69 -2.16 26.14
N LYS C 136 -23.61 -1.21 26.39
CA LYS C 136 -24.06 -0.21 25.40
C LYS C 136 -22.89 0.75 25.08
N VAL C 137 -22.54 0.82 23.79
CA VAL C 137 -21.32 1.51 23.34
C VAL C 137 -21.59 2.27 22.02
N LEU C 138 -20.70 3.21 21.71
CA LEU C 138 -20.73 3.96 20.47
C LEU C 138 -19.29 4.11 19.97
N VAL C 139 -19.14 4.09 18.65
CA VAL C 139 -17.86 4.13 18.00
C VAL C 139 -17.88 5.28 17.00
N THR C 140 -16.76 5.99 16.89
CA THR C 140 -16.76 7.26 16.24
C THR C 140 -15.34 7.66 15.85
N LEU C 141 -15.19 8.25 14.64
CA LEU C 141 -13.94 8.80 14.14
C LEU C 141 -13.44 9.92 15.05
N THR C 142 -12.11 9.94 15.26
CA THR C 142 -11.36 11.06 15.84
C THR C 142 -10.96 12.01 14.72
N PRO C 143 -10.52 13.26 15.01
CA PRO C 143 -10.01 14.14 13.96
C PRO C 143 -8.94 13.45 13.10
N ASP C 144 -8.07 12.67 13.76
CA ASP C 144 -6.97 11.94 13.10
C ASP C 144 -7.56 10.90 12.14
N GLY C 145 -8.55 10.13 12.61
CA GLY C 145 -9.37 9.27 11.76
C GLY C 145 -9.94 9.98 10.54
N ARG C 146 -10.54 11.16 10.74
CA ARG C 146 -11.14 11.85 9.63
C ARG C 146 -10.05 12.22 8.62
N ALA C 147 -8.88 12.58 9.13
CA ALA C 147 -7.74 12.99 8.30
C ALA C 147 -7.29 11.82 7.41
N LEU C 148 -7.14 10.64 8.03
CA LEU C 148 -6.67 9.46 7.33
C LEU C 148 -7.65 9.02 6.23
N VAL C 149 -8.95 9.04 6.52
CA VAL C 149 -9.91 8.64 5.51
C VAL C 149 -9.79 9.60 4.32
N GLU C 150 -9.75 10.90 4.58
CA GLU C 150 -9.65 11.87 3.50
C GLU C 150 -8.35 11.64 2.73
N GLU C 151 -7.27 11.35 3.45
CA GLU C 151 -5.98 11.03 2.84
C GLU C 151 -6.07 9.81 1.92
N MET C 152 -6.84 8.78 2.29
CA MET C 152 -6.88 7.49 1.60
C MET C 152 -7.81 7.53 0.38
N VAL C 153 -8.58 8.62 0.22
CA VAL C 153 -9.62 8.73 -0.82
C VAL C 153 -9.04 8.51 -2.21
N PRO C 154 -7.98 9.26 -2.62
CA PRO C 154 -7.33 9.06 -3.93
C PRO C 154 -6.91 7.60 -4.18
N PHE C 155 -6.50 6.93 -3.10
CA PHE C 155 -6.15 5.55 -3.15
C PHE C 155 -7.40 4.67 -3.32
N ALA C 156 -8.45 4.97 -2.55
CA ALA C 156 -9.73 4.25 -2.70
C ALA C 156 -10.21 4.30 -4.15
N GLU C 157 -10.14 5.46 -4.79
CA GLU C 157 -10.57 5.65 -6.17
C GLU C 157 -9.68 4.85 -7.14
N GLN C 158 -8.36 4.86 -6.92
CA GLN C 158 -7.39 4.04 -7.67
C GLN C 158 -7.76 2.55 -7.51
N ILE C 159 -8.10 2.14 -6.29
CA ILE C 159 -8.42 0.73 -6.01
C ILE C 159 -9.62 0.34 -6.88
N THR C 160 -10.69 1.14 -6.81
CA THR C 160 -11.88 0.93 -7.61
C THR C 160 -11.57 0.85 -9.12
N GLN C 161 -10.84 1.84 -9.64
CA GLN C 161 -10.51 1.89 -11.06
C GLN C 161 -9.80 0.59 -11.46
N SER C 162 -8.82 0.13 -10.68
CA SER C 162 -8.04 -1.07 -11.04
C SER C 162 -8.87 -2.35 -10.92
N THR C 163 -9.80 -2.38 -9.96
CA THR C 163 -10.63 -3.55 -9.71
C THR C 163 -11.54 -3.77 -10.93
N PHE C 164 -12.06 -2.67 -11.49
CA PHE C 164 -12.89 -2.71 -12.71
C PHE C 164 -12.05 -3.23 -13.88
N GLY C 165 -10.75 -2.90 -13.88
CA GLY C 165 -9.81 -3.46 -14.86
C GLY C 165 -10.14 -3.05 -16.27
N GLY C 166 -10.26 -4.04 -17.16
CA GLY C 166 -10.55 -3.82 -18.58
C GLY C 166 -12.04 -3.61 -18.88
N LEU C 167 -12.91 -3.62 -17.86
CA LEU C 167 -14.33 -3.43 -18.12
C LEU C 167 -14.53 -2.02 -18.71
N ASN C 168 -15.44 -1.93 -19.68
CA ASN C 168 -15.80 -0.66 -20.26
C ASN C 168 -16.94 -0.12 -19.40
N PRO C 169 -17.39 1.13 -19.63
CA PRO C 169 -18.39 1.75 -18.76
C PRO C 169 -19.70 0.94 -18.63
N ALA C 170 -20.14 0.33 -19.73
CA ALA C 170 -21.38 -0.46 -19.72
C ALA C 170 -21.19 -1.72 -18.87
N GLU C 171 -20.01 -2.35 -19.03
CA GLU C 171 -19.68 -3.49 -18.22
C GLU C 171 -19.58 -3.07 -16.74
N ARG C 172 -18.91 -1.95 -16.46
CA ARG C 172 -18.77 -1.46 -15.08
C ARG C 172 -20.17 -1.31 -14.48
N VAL C 173 -21.09 -0.66 -15.23
CA VAL C 173 -22.47 -0.47 -14.75
C VAL C 173 -23.19 -1.81 -14.59
N ALA C 174 -22.83 -2.80 -15.40
CA ALA C 174 -23.54 -4.06 -15.42
C ALA C 174 -23.03 -4.95 -14.28
N ILE C 175 -21.74 -4.91 -13.96
CA ILE C 175 -21.26 -5.78 -12.89
C ILE C 175 -21.73 -5.24 -11.55
N VAL C 176 -21.79 -3.91 -11.41
CA VAL C 176 -22.33 -3.27 -10.21
C VAL C 176 -23.81 -3.65 -10.06
N TYR C 177 -24.59 -3.49 -11.13
CA TYR C 177 -26.02 -3.79 -11.12
C TYR C 177 -26.24 -5.24 -10.67
N LEU C 178 -25.42 -6.16 -11.20
CA LEU C 178 -25.58 -7.59 -10.95
C LEU C 178 -25.18 -7.95 -9.51
N LEU C 179 -24.00 -7.50 -9.08
CA LEU C 179 -23.48 -7.73 -7.72
C LEU C 179 -24.45 -7.14 -6.70
N ARG C 180 -25.05 -6.01 -7.03
CA ARG C 180 -26.02 -5.38 -6.14
C ARG C 180 -27.20 -6.33 -5.93
N LYS C 181 -27.70 -6.95 -7.02
CA LYS C 181 -28.84 -7.90 -6.97
C LYS C 181 -28.47 -9.14 -6.17
N MET C 182 -27.33 -9.76 -6.50
CA MET C 182 -26.86 -11.02 -5.89
C MET C 182 -26.70 -10.85 -4.37
N SER C 183 -26.11 -9.73 -3.93
CA SER C 183 -25.85 -9.47 -2.50
C SER C 183 -27.15 -9.13 -1.77
N ASP C 184 -28.02 -8.32 -2.40
CA ASP C 184 -29.34 -7.99 -1.84
C ASP C 184 -30.17 -9.28 -1.76
N HIS D 50 -20.14 6.98 -2.01
CA HIS D 50 -19.70 6.41 -0.69
C HIS D 50 -18.94 5.10 -0.92
N PHE D 51 -18.34 4.56 0.16
CA PHE D 51 -17.57 3.29 0.15
C PHE D 51 -18.49 2.09 -0.11
N SER D 52 -19.71 2.10 0.47
CA SER D 52 -20.66 0.98 0.37
C SER D 52 -21.28 0.88 -1.04
N GLU D 53 -20.99 1.87 -1.90
CA GLU D 53 -21.48 1.92 -3.28
C GLU D 53 -20.45 1.28 -4.24
N GLN D 54 -19.23 1.02 -3.73
CA GLN D 54 -18.07 0.70 -4.56
C GLN D 54 -18.00 -0.81 -4.82
N VAL D 55 -17.28 -1.15 -5.90
CA VAL D 55 -17.41 -2.45 -6.51
C VAL D 55 -16.72 -3.48 -5.61
N GLY D 56 -15.66 -3.02 -4.94
CA GLY D 56 -14.95 -3.81 -3.96
C GLY D 56 -15.87 -4.32 -2.87
N HIS D 57 -16.62 -3.41 -2.25
CA HIS D 57 -17.51 -3.78 -1.15
C HIS D 57 -18.53 -4.81 -1.65
N LEU D 58 -19.01 -4.62 -2.89
CA LEU D 58 -20.09 -5.45 -3.46
C LEU D 58 -19.58 -6.87 -3.79
N LEU D 59 -18.35 -7.00 -4.30
CA LEU D 59 -17.71 -8.29 -4.51
C LEU D 59 -17.62 -9.07 -3.19
N ARG D 60 -17.25 -8.37 -2.10
CA ARG D 60 -17.13 -8.95 -0.75
C ARG D 60 -18.48 -9.53 -0.31
N ARG D 61 -19.53 -8.68 -0.29
CA ARG D 61 -20.86 -9.06 0.17
C ARG D 61 -21.42 -10.20 -0.70
N ALA D 62 -21.09 -10.19 -1.99
CA ALA D 62 -21.49 -11.22 -2.93
C ALA D 62 -20.75 -12.52 -2.63
N TYR D 63 -19.42 -12.43 -2.50
CA TYR D 63 -18.54 -13.57 -2.23
C TYR D 63 -18.91 -14.25 -0.92
N GLN D 64 -19.43 -13.47 0.02
CA GLN D 64 -19.77 -13.95 1.34
C GLN D 64 -21.10 -14.71 1.29
N ARG D 65 -22.14 -14.09 0.71
CA ARG D 65 -23.45 -14.74 0.51
C ARG D 65 -23.28 -16.05 -0.27
N HIS D 66 -22.23 -16.14 -1.10
CA HIS D 66 -21.88 -17.41 -1.77
C HIS D 66 -21.32 -18.43 -0.77
N VAL D 67 -20.20 -18.05 -0.11
CA VAL D 67 -19.39 -18.95 0.74
C VAL D 67 -20.19 -19.40 1.97
N ALA D 68 -21.36 -18.79 2.21
CA ALA D 68 -22.38 -19.30 3.14
C ALA D 68 -23.24 -20.39 2.46
N ILE D 69 -23.69 -20.11 1.23
CA ILE D 69 -24.54 -21.02 0.46
C ILE D 69 -23.82 -22.38 0.26
N PHE D 70 -22.47 -22.34 0.18
CA PHE D 70 -21.65 -23.55 0.02
C PHE D 70 -21.65 -24.39 1.30
N GLN D 71 -21.97 -23.76 2.43
CA GLN D 71 -21.92 -24.38 3.76
C GLN D 71 -23.29 -24.25 4.45
N GLN D 72 -24.34 -24.26 3.63
CA GLN D 72 -25.67 -24.67 4.03
C GLN D 72 -26.07 -25.86 3.14
N THR D 73 -25.05 -26.50 2.56
CA THR D 73 -25.16 -27.67 1.66
C THR D 73 -24.25 -28.79 2.20
N ILE D 74 -22.95 -28.50 2.33
CA ILE D 74 -21.89 -29.45 2.75
C ILE D 74 -21.37 -29.08 4.15
N PRO D 75 -21.16 -30.06 5.07
CA PRO D 75 -20.44 -29.80 6.32
C PRO D 75 -18.92 -29.77 6.13
N ASP D 76 -18.38 -30.68 5.29
CA ASP D 76 -16.99 -30.63 4.85
C ASP D 76 -16.84 -29.52 3.79
N SER D 77 -15.59 -29.15 3.47
CA SER D 77 -15.32 -28.02 2.54
C SER D 77 -13.87 -28.05 2.03
N LYS D 78 -13.70 -27.99 0.70
CA LYS D 78 -12.39 -28.01 0.07
C LYS D 78 -12.47 -27.45 -1.37
N LEU D 79 -11.32 -27.39 -2.04
CA LEU D 79 -11.23 -27.05 -3.47
C LEU D 79 -11.07 -28.31 -4.31
N THR D 80 -12.06 -28.59 -5.16
CA THR D 80 -12.06 -29.78 -6.01
C THR D 80 -10.98 -29.57 -7.09
N ALA D 81 -10.60 -30.65 -7.80
CA ALA D 81 -9.48 -30.64 -8.77
C ALA D 81 -9.80 -31.54 -9.96
N ALA D 82 -9.44 -31.08 -11.17
CA ALA D 82 -9.75 -31.78 -12.41
C ALA D 82 -8.57 -32.68 -12.81
N GLU D 157 -22.22 -27.56 -8.63
CA GLU D 157 -23.24 -28.54 -8.27
C GLU D 157 -24.51 -27.79 -7.85
N GLN D 158 -25.09 -28.19 -6.70
CA GLN D 158 -26.30 -27.59 -6.15
C GLN D 158 -26.02 -26.10 -5.83
N ILE D 159 -24.80 -25.82 -5.37
CA ILE D 159 -24.39 -24.50 -4.85
C ILE D 159 -24.55 -23.42 -5.93
N THR D 160 -24.12 -23.73 -7.17
CA THR D 160 -24.01 -22.77 -8.28
C THR D 160 -25.39 -22.18 -8.60
N GLN D 161 -26.45 -23.00 -8.58
CA GLN D 161 -27.84 -22.51 -8.83
C GLN D 161 -28.31 -21.67 -7.64
N SER D 162 -27.67 -21.84 -6.47
CA SER D 162 -27.99 -21.10 -5.23
C SER D 162 -27.36 -19.69 -5.27
N THR D 163 -26.09 -19.64 -5.68
CA THR D 163 -25.34 -18.39 -5.81
C THR D 163 -26.02 -17.44 -6.82
N PHE D 164 -26.60 -18.00 -7.90
CA PHE D 164 -27.25 -17.21 -8.98
C PHE D 164 -28.58 -16.61 -8.52
N GLY D 165 -29.27 -17.27 -7.58
CA GLY D 165 -30.55 -16.78 -7.07
C GLY D 165 -31.55 -16.51 -8.18
N GLY D 166 -32.21 -15.34 -8.11
CA GLY D 166 -33.20 -14.92 -9.11
C GLY D 166 -32.58 -14.07 -10.22
N LEU D 167 -31.43 -14.53 -10.75
CA LEU D 167 -30.82 -13.94 -11.95
C LEU D 167 -31.35 -14.67 -13.18
N ASN D 168 -31.94 -13.93 -14.14
CA ASN D 168 -32.50 -14.51 -15.36
C ASN D 168 -31.36 -15.10 -16.19
N PRO D 169 -31.63 -15.93 -17.20
CA PRO D 169 -30.55 -16.67 -17.87
C PRO D 169 -29.52 -15.73 -18.50
N ALA D 170 -29.96 -14.51 -18.86
CA ALA D 170 -29.10 -13.50 -19.46
C ALA D 170 -28.13 -12.95 -18.41
N GLU D 171 -28.69 -12.60 -17.25
CA GLU D 171 -27.94 -12.11 -16.10
C GLU D 171 -26.90 -13.15 -15.65
N ARG D 172 -27.26 -14.43 -15.71
CA ARG D 172 -26.34 -15.51 -15.39
C ARG D 172 -25.09 -15.39 -16.28
N VAL D 173 -25.32 -15.26 -17.59
CA VAL D 173 -24.25 -15.26 -18.57
C VAL D 173 -23.44 -13.97 -18.37
N ALA D 174 -24.15 -12.86 -18.19
CA ALA D 174 -23.53 -11.58 -17.95
C ALA D 174 -22.54 -11.68 -16.77
N ILE D 175 -22.98 -12.24 -15.64
CA ILE D 175 -22.16 -12.20 -14.39
C ILE D 175 -20.89 -13.03 -14.61
N VAL D 176 -21.05 -14.24 -15.16
CA VAL D 176 -19.91 -15.11 -15.43
C VAL D 176 -18.93 -14.37 -16.36
N TYR D 177 -19.43 -13.92 -17.50
CA TYR D 177 -18.66 -13.16 -18.46
C TYR D 177 -17.89 -12.04 -17.75
N LEU D 178 -18.61 -11.16 -17.04
CA LEU D 178 -18.01 -9.95 -16.48
C LEU D 178 -16.93 -10.28 -15.44
N LEU D 179 -17.18 -11.23 -14.53
CA LEU D 179 -16.19 -11.57 -13.49
C LEU D 179 -14.91 -12.17 -14.11
N ARG D 180 -15.08 -12.97 -15.17
CA ARG D 180 -13.95 -13.54 -15.89
C ARG D 180 -13.13 -12.41 -16.53
N LYS D 181 -13.80 -11.46 -17.21
CA LYS D 181 -13.10 -10.36 -17.92
C LYS D 181 -12.36 -9.48 -16.90
N MET D 182 -13.01 -9.22 -15.77
CA MET D 182 -12.46 -8.44 -14.67
C MET D 182 -11.19 -9.13 -14.12
N SER D 183 -11.29 -10.43 -13.83
CA SER D 183 -10.22 -11.21 -13.17
C SER D 183 -8.98 -11.37 -14.07
N ASP D 184 -9.14 -11.25 -15.40
CA ASP D 184 -8.09 -11.48 -16.40
C ASP D 184 -7.90 -10.21 -17.27
N ALA D 185 -7.14 -9.25 -16.74
CA ALA D 185 -6.96 -7.95 -17.37
C ALA D 185 -5.56 -7.39 -17.07
#